data_3R97
#
_entry.id   3R97
#
_cell.length_a   41.425
_cell.length_b   74.587
_cell.length_c   98.523
_cell.angle_alpha   90.00
_cell.angle_beta   90.00
_cell.angle_gamma   90.00
#
_symmetry.space_group_name_H-M   'P 21 21 21'
#
loop_
_entity.id
_entity.type
_entity.pdbx_description
1 polymer 'Malonyl CoA-ACP transacylase'
2 non-polymer '2-[N-CYCLOHEXYLAMINO]ETHANE SULFONIC ACID'
3 water water
#
_entity_poly.entity_id   1
_entity_poly.type   'polypeptide(L)'
_entity_poly.pdbx_seq_one_letter_code
;MTESTLAFVFPGQGSQSLGMLAELSELHPQIRETFAEASEGAGVDLWALSQGGPEEMLNRTEYTQPALLAAGVAVWRLWT
AQRGQRPALLAGHSLGEYTALVAAGVLSLHDGAHLVRLRGQFMQAAAPAGVGAMAAVLGAEDAVVLEVCAEAAGSQVVVP
ANFNSPGQIVIGGDAAAVDRALALLAERGVRKAVKLAVSVPSHTPLMRDAANQLGEAMAGLSWHAPQIPVVQNVDARVHD
GSAAIRQALVEQLYLPVQWTGCVQALASQGITRIAECGPGKVLSGLIKRIDKSLDARPLATPADYAGALDAWAH
;
_entity_poly.pdbx_strand_id   A
#
# COMPACT_ATOMS: atom_id res chain seq x y z
N MET A 1 -22.40 13.54 -8.21
CA MET A 1 -21.38 12.48 -8.55
C MET A 1 -20.20 12.47 -7.53
N THR A 2 -19.22 13.38 -7.71
CA THR A 2 -18.02 13.52 -6.86
C THR A 2 -18.30 14.26 -5.53
N GLU A 3 -17.93 13.66 -4.40
CA GLU A 3 -18.12 14.31 -3.10
C GLU A 3 -16.77 14.83 -2.56
N SER A 4 -16.68 16.15 -2.35
CA SER A 4 -15.39 16.83 -2.17
C SER A 4 -14.72 16.57 -0.82
N THR A 5 -15.49 16.09 0.17
CA THR A 5 -14.95 15.76 1.46
C THR A 5 -14.52 14.26 1.59
N LEU A 6 -14.64 13.47 0.48
CA LEU A 6 -14.43 12.01 0.52
C LEU A 6 -13.21 11.54 -0.27
N ALA A 7 -12.38 10.72 0.37
CA ALA A 7 -11.21 10.14 -0.25
C ALA A 7 -11.30 8.64 -0.09
N PHE A 8 -10.75 7.89 -1.05
CA PHE A 8 -10.53 6.46 -0.87
C PHE A 8 -9.04 6.19 -0.76
N VAL A 9 -8.70 5.29 0.18
CA VAL A 9 -7.32 4.80 0.38
C VAL A 9 -7.29 3.28 0.20
N PHE A 10 -6.16 2.77 -0.29
CA PHE A 10 -6.04 1.35 -0.69
C PHE A 10 -4.91 0.65 0.06
N PRO A 11 -5.22 -0.48 0.77
CA PRO A 11 -4.16 -1.07 1.61
C PRO A 11 -3.13 -1.84 0.76
N GLY A 12 -1.95 -2.07 1.34
CA GLY A 12 -0.88 -2.77 0.71
C GLY A 12 -0.46 -3.95 1.57
N GLN A 13 0.80 -4.42 1.37
CA GLN A 13 1.37 -5.62 2.02
C GLN A 13 1.10 -5.61 3.53
N GLY A 14 0.61 -6.72 4.06
CA GLY A 14 0.33 -6.85 5.50
C GLY A 14 -1.15 -6.97 5.72
N SER A 15 -1.94 -6.48 4.76
CA SER A 15 -3.36 -6.40 4.87
C SER A 15 -4.10 -7.63 4.36
N GLN A 16 -3.41 -8.51 3.59
CA GLN A 16 -4.04 -9.75 3.06
C GLN A 16 -4.36 -10.72 4.18
N SER A 17 -5.30 -11.62 3.92
CA SER A 17 -5.53 -12.71 4.84
C SER A 17 -6.19 -13.79 4.03
N LEU A 18 -5.96 -15.04 4.41
CA LEU A 18 -6.67 -16.19 3.85
C LEU A 18 -8.14 -15.93 3.97
N GLY A 19 -8.91 -16.02 2.87
CA GLY A 19 -10.37 -15.78 2.95
C GLY A 19 -10.79 -14.31 2.83
N MET A 20 -9.84 -13.42 2.53
CA MET A 20 -10.22 -12.01 2.40
C MET A 20 -11.34 -11.84 1.37
N LEU A 21 -12.31 -10.98 1.69
CA LEU A 21 -13.50 -10.72 0.86
C LEU A 21 -14.46 -11.91 0.67
N ALA A 22 -14.20 -13.01 1.37
CA ALA A 22 -15.06 -14.18 1.24
C ALA A 22 -16.50 -13.81 1.37
N GLU A 23 -16.83 -13.09 2.42
CA GLU A 23 -18.22 -12.85 2.76
C GLU A 23 -18.90 -11.87 1.81
N LEU A 24 -18.14 -10.91 1.27
CA LEU A 24 -18.69 -9.96 0.28
C LEU A 24 -18.88 -10.67 -1.02
N SER A 25 -17.95 -11.55 -1.35
CA SER A 25 -18.04 -12.27 -2.61
C SER A 25 -19.28 -13.18 -2.61
N GLU A 26 -19.67 -13.69 -1.46
CA GLU A 26 -20.88 -14.49 -1.40
C GLU A 26 -22.09 -13.68 -1.83
N LEU A 27 -22.06 -12.35 -1.61
CA LEU A 27 -23.22 -11.51 -1.96
C LEU A 27 -23.09 -10.93 -3.35
N HIS A 28 -21.89 -10.88 -3.89
CA HIS A 28 -21.65 -10.07 -5.11
C HIS A 28 -20.76 -10.81 -6.09
N PRO A 29 -21.39 -11.46 -7.09
CA PRO A 29 -20.69 -12.23 -8.14
C PRO A 29 -19.56 -11.45 -8.84
N GLN A 30 -19.67 -10.12 -8.97
CA GLN A 30 -18.61 -9.27 -9.55
C GLN A 30 -17.20 -9.44 -8.89
N ILE A 31 -17.17 -9.74 -7.59
CA ILE A 31 -15.88 -9.83 -6.88
C ILE A 31 -14.95 -10.88 -7.53
N ARG A 32 -15.46 -12.11 -7.70
CA ARG A 32 -14.66 -13.19 -8.32
C ARG A 32 -14.32 -12.94 -9.80
N GLU A 33 -15.25 -12.32 -10.52
CA GLU A 33 -15.01 -11.93 -11.90
C GLU A 33 -13.91 -10.89 -11.98
N THR A 34 -13.89 -9.94 -11.04
CA THR A 34 -12.77 -8.98 -10.90
C THR A 34 -11.45 -9.69 -10.58
N PHE A 35 -11.50 -10.68 -9.70
CA PHE A 35 -10.30 -11.46 -9.44
C PHE A 35 -9.87 -12.23 -10.69
N ALA A 36 -10.83 -12.79 -11.46
CA ALA A 36 -10.45 -13.54 -12.71
C ALA A 36 -9.73 -12.64 -13.75
N GLU A 37 -10.18 -11.38 -13.83
CA GLU A 37 -9.66 -10.40 -14.76
C GLU A 37 -8.25 -9.99 -14.34
N ALA A 38 -8.06 -9.76 -13.05
CA ALA A 38 -6.75 -9.50 -12.47
C ALA A 38 -5.84 -10.71 -12.70
N SER A 39 -6.38 -11.90 -12.45
CA SER A 39 -5.65 -13.18 -12.64
C SER A 39 -5.00 -13.36 -14.02
N GLU A 40 -5.70 -12.95 -15.09
CA GLU A 40 -5.15 -12.91 -16.45
C GLU A 40 -3.87 -12.05 -16.60
N GLY A 41 -3.84 -10.86 -15.99
CA GLY A 41 -2.65 -10.05 -16.04
C GLY A 41 -1.55 -10.60 -15.17
N ALA A 42 -1.91 -11.08 -13.95
CA ALA A 42 -0.91 -11.53 -12.97
C ALA A 42 -0.27 -12.86 -13.33
N GLY A 43 -0.93 -13.65 -14.18
CA GLY A 43 -0.55 -15.07 -14.42
C GLY A 43 -0.69 -16.07 -13.26
N VAL A 44 -1.50 -15.77 -12.23
CA VAL A 44 -1.83 -16.74 -11.15
C VAL A 44 -3.32 -16.59 -10.93
N ASP A 45 -3.99 -17.64 -10.47
CA ASP A 45 -5.39 -17.58 -10.07
C ASP A 45 -5.42 -16.96 -8.68
N LEU A 46 -5.66 -15.64 -8.61
CA LEU A 46 -5.58 -14.86 -7.36
C LEU A 46 -6.71 -15.22 -6.43
N TRP A 47 -7.88 -15.54 -6.98
CA TRP A 47 -8.98 -15.93 -6.08
C TRP A 47 -8.66 -17.25 -5.34
N ALA A 48 -8.18 -18.26 -6.07
CA ALA A 48 -7.95 -19.57 -5.48
C ALA A 48 -6.86 -19.48 -4.42
N LEU A 49 -5.79 -18.74 -4.73
CA LEU A 49 -4.68 -18.58 -3.82
C LEU A 49 -5.12 -17.87 -2.50
N SER A 50 -5.91 -16.81 -2.63
CA SER A 50 -6.27 -15.99 -1.46
C SER A 50 -7.39 -16.64 -0.59
N GLN A 51 -8.25 -17.48 -1.20
CA GLN A 51 -9.30 -18.19 -0.43
C GLN A 51 -8.80 -19.49 0.14
N GLY A 52 -8.09 -20.28 -0.68
CA GLY A 52 -7.68 -21.62 -0.27
C GLY A 52 -6.21 -21.81 0.15
N GLY A 53 -5.33 -20.84 -0.12
CA GLY A 53 -3.89 -20.98 0.13
C GLY A 53 -3.14 -21.50 -1.09
N PRO A 54 -1.88 -21.91 -0.90
CA PRO A 54 -1.22 -21.97 0.40
C PRO A 54 -0.89 -20.58 0.87
N GLU A 55 -1.17 -20.31 2.13
CA GLU A 55 -0.91 -19.03 2.75
C GLU A 55 0.53 -18.56 2.56
N GLU A 56 1.48 -19.50 2.59
CA GLU A 56 2.91 -19.19 2.36
C GLU A 56 3.16 -18.45 1.03
N MET A 57 2.56 -18.92 -0.06
CA MET A 57 2.57 -18.19 -1.35
C MET A 57 1.77 -16.84 -1.28
N LEU A 58 0.57 -16.86 -0.69
CA LEU A 58 -0.20 -15.64 -0.52
C LEU A 58 0.65 -14.52 0.13
N ASN A 59 1.49 -14.90 1.12
CA ASN A 59 2.30 -13.95 1.93
C ASN A 59 3.58 -13.50 1.29
N ARG A 60 3.88 -14.10 0.16
CA ARG A 60 5.09 -13.81 -0.63
C ARG A 60 4.70 -12.68 -1.57
N THR A 61 5.54 -11.65 -1.66
CA THR A 61 5.09 -10.35 -2.14
C THR A 61 4.68 -10.31 -3.62
N GLU A 62 5.25 -11.15 -4.45
CA GLU A 62 4.89 -11.12 -5.87
C GLU A 62 3.47 -11.64 -5.99
N TYR A 63 2.97 -12.34 -4.97
CA TYR A 63 1.58 -12.78 -5.01
C TYR A 63 0.69 -11.85 -4.18
N THR A 64 1.17 -11.41 -3.02
CA THR A 64 0.36 -10.55 -2.17
C THR A 64 -0.07 -9.28 -2.94
N GLN A 65 0.85 -8.74 -3.75
CA GLN A 65 0.68 -7.47 -4.48
C GLN A 65 -0.50 -7.60 -5.47
N PRO A 66 -0.44 -8.54 -6.44
CA PRO A 66 -1.59 -8.57 -7.35
C PRO A 66 -2.90 -9.00 -6.68
N ALA A 67 -2.83 -9.76 -5.60
CA ALA A 67 -4.03 -10.23 -4.87
C ALA A 67 -4.66 -9.06 -4.17
N LEU A 68 -3.79 -8.18 -3.65
CA LEU A 68 -4.29 -7.00 -2.90
C LEU A 68 -4.77 -5.97 -3.86
N LEU A 69 -4.13 -5.85 -5.02
CA LEU A 69 -4.63 -4.92 -6.04
C LEU A 69 -6.00 -5.41 -6.53
N ALA A 70 -6.13 -6.71 -6.85
CA ALA A 70 -7.46 -7.30 -7.24
C ALA A 70 -8.51 -7.04 -6.15
N ALA A 71 -8.18 -7.30 -4.89
CA ALA A 71 -9.10 -7.06 -3.76
C ALA A 71 -9.57 -5.59 -3.68
N GLY A 72 -8.64 -4.66 -3.85
CA GLY A 72 -8.96 -3.22 -3.69
C GLY A 72 -9.85 -2.76 -4.85
N VAL A 73 -9.52 -3.21 -6.07
CA VAL A 73 -10.35 -2.89 -7.23
C VAL A 73 -11.72 -3.58 -7.19
N ALA A 74 -11.80 -4.84 -6.72
CA ALA A 74 -13.11 -5.49 -6.45
C ALA A 74 -13.97 -4.61 -5.51
N VAL A 75 -13.42 -4.13 -4.41
CA VAL A 75 -14.32 -3.34 -3.52
C VAL A 75 -14.70 -1.97 -4.19
N TRP A 76 -13.74 -1.35 -4.84
CA TRP A 76 -13.98 -0.15 -5.64
C TRP A 76 -15.13 -0.29 -6.66
N ARG A 77 -15.17 -1.42 -7.37
CA ARG A 77 -16.15 -1.60 -8.44
C ARG A 77 -17.53 -1.87 -7.83
N LEU A 78 -17.54 -2.56 -6.71
CA LEU A 78 -18.75 -2.80 -6.00
C LEU A 78 -19.32 -1.45 -5.52
N TRP A 79 -18.47 -0.61 -4.92
CA TRP A 79 -18.92 0.65 -4.37
C TRP A 79 -19.42 1.55 -5.48
N THR A 80 -18.65 1.62 -6.56
CA THR A 80 -19.06 2.37 -7.73
C THR A 80 -20.39 1.90 -8.35
N ALA A 81 -20.53 0.58 -8.57
CA ALA A 81 -21.77 -0.04 -9.06
C ALA A 81 -23.01 0.25 -8.20
N GLN A 82 -22.80 0.28 -6.87
CA GLN A 82 -23.89 0.51 -5.92
C GLN A 82 -24.13 2.01 -5.64
N ARG A 83 -23.54 2.87 -6.49
CA ARG A 83 -23.79 4.34 -6.50
C ARG A 83 -23.41 5.05 -5.20
N GLY A 84 -22.43 4.50 -4.48
CA GLY A 84 -21.78 5.25 -3.43
C GLY A 84 -21.26 6.56 -4.02
N GLN A 85 -20.90 7.50 -3.16
CA GLN A 85 -20.35 8.79 -3.62
C GLN A 85 -18.96 8.55 -4.27
N ARG A 86 -18.61 9.35 -5.28
CA ARG A 86 -17.28 9.31 -5.79
C ARG A 86 -16.29 10.17 -4.97
N PRO A 87 -15.16 9.56 -4.56
CA PRO A 87 -14.19 10.27 -3.77
C PRO A 87 -13.54 11.40 -4.63
N ALA A 88 -13.15 12.53 -4.03
CA ALA A 88 -12.42 13.58 -4.77
C ALA A 88 -10.91 13.31 -4.92
N LEU A 89 -10.35 12.49 -4.03
CA LEU A 89 -8.92 12.22 -4.05
C LEU A 89 -8.70 10.73 -3.72
N LEU A 90 -7.62 10.16 -4.21
CA LEU A 90 -7.26 8.77 -3.85
C LEU A 90 -5.80 8.79 -3.37
N ALA A 91 -5.47 7.80 -2.54
CA ALA A 91 -4.10 7.47 -2.15
C ALA A 91 -4.15 5.98 -1.78
N GLY A 92 -2.98 5.35 -1.71
CA GLY A 92 -2.85 3.95 -1.31
C GLY A 92 -1.43 3.72 -0.74
N HIS A 93 -1.28 2.75 0.12
CA HIS A 93 -0.02 2.57 0.82
C HIS A 93 0.85 1.58 0.07
N SER A 94 1.90 2.15 -0.55
CA SER A 94 2.94 1.37 -1.28
C SER A 94 2.31 0.66 -2.48
N LEU A 95 2.07 -0.64 -2.37
CA LEU A 95 1.22 -1.35 -3.36
C LEU A 95 -0.13 -0.66 -3.64
N GLY A 96 -0.80 -0.20 -2.57
CA GLY A 96 -2.11 0.47 -2.66
C GLY A 96 -2.16 1.63 -3.64
N GLU A 97 -0.98 2.15 -3.95
CA GLU A 97 -0.87 3.29 -4.83
C GLU A 97 -1.22 2.86 -6.24
N TYR A 98 -0.90 1.62 -6.57
CA TYR A 98 -1.15 1.03 -7.88
C TYR A 98 -2.64 0.76 -7.98
N THR A 99 -3.22 0.26 -6.86
CA THR A 99 -4.66 0.09 -6.77
C THR A 99 -5.38 1.42 -7.02
N ALA A 100 -4.86 2.51 -6.43
CA ALA A 100 -5.47 3.83 -6.60
C ALA A 100 -5.38 4.20 -8.08
N LEU A 101 -4.29 3.84 -8.76
CA LEU A 101 -4.15 4.21 -10.20
C LEU A 101 -5.06 3.41 -11.10
N VAL A 102 -5.31 2.16 -10.71
CA VAL A 102 -6.30 1.36 -11.44
C VAL A 102 -7.67 1.96 -11.23
N ALA A 103 -7.99 2.35 -10.00
CA ALA A 103 -9.29 2.99 -9.71
C ALA A 103 -9.50 4.33 -10.46
N ALA A 104 -8.43 5.10 -10.66
CA ALA A 104 -8.49 6.37 -11.33
C ALA A 104 -8.54 6.18 -12.83
N GLY A 105 -8.54 4.94 -13.32
CA GLY A 105 -8.53 4.74 -14.77
C GLY A 105 -7.15 4.90 -15.44
N VAL A 106 -6.07 4.98 -14.66
CA VAL A 106 -4.75 5.24 -15.28
C VAL A 106 -4.21 3.99 -15.98
N LEU A 107 -4.39 2.85 -15.34
CA LEU A 107 -4.00 1.51 -15.85
C LEU A 107 -5.25 0.59 -15.86
N SER A 108 -5.35 -0.30 -16.85
CA SER A 108 -6.38 -1.35 -16.87
C SER A 108 -6.05 -2.25 -15.71
N LEU A 109 -7.00 -3.10 -15.25
CA LEU A 109 -6.79 -3.91 -14.05
C LEU A 109 -5.77 -4.94 -14.46
N HIS A 110 -5.92 -5.36 -15.71
CA HIS A 110 -5.09 -6.43 -16.29
C HIS A 110 -3.63 -5.96 -16.22
N ASP A 111 -3.32 -4.81 -16.84
CA ASP A 111 -1.98 -4.20 -16.72
C ASP A 111 -1.51 -3.95 -15.28
N GLY A 112 -2.38 -3.42 -14.42
CA GLY A 112 -2.00 -3.14 -13.03
C GLY A 112 -1.50 -4.43 -12.39
N ALA A 113 -2.26 -5.51 -12.57
CA ALA A 113 -1.96 -6.80 -11.95
C ALA A 113 -0.63 -7.43 -12.45
N HIS A 114 -0.38 -7.34 -13.75
CA HIS A 114 0.84 -7.77 -14.43
C HIS A 114 2.02 -6.99 -13.84
N LEU A 115 1.81 -5.67 -13.79
CA LEU A 115 2.77 -4.72 -13.25
C LEU A 115 3.16 -5.03 -11.77
N VAL A 116 2.20 -5.28 -10.89
CA VAL A 116 2.61 -5.49 -9.48
C VAL A 116 3.15 -6.88 -9.20
N ARG A 117 2.68 -7.86 -9.95
CA ARG A 117 3.38 -9.16 -10.00
C ARG A 117 4.85 -8.92 -10.33
N LEU A 118 5.14 -8.23 -11.43
CA LEU A 118 6.53 -7.87 -11.75
C LEU A 118 7.23 -7.07 -10.65
N ARG A 119 6.55 -6.07 -10.10
CA ARG A 119 7.12 -5.29 -8.99
C ARG A 119 7.54 -6.18 -7.80
N GLY A 120 6.63 -7.07 -7.40
CA GLY A 120 6.93 -8.07 -6.39
C GLY A 120 8.15 -8.91 -6.69
N GLN A 121 8.25 -9.43 -7.92
CA GLN A 121 9.38 -10.27 -8.35
C GLN A 121 10.69 -9.46 -8.32
N PHE A 122 10.64 -8.21 -8.79
CA PHE A 122 11.85 -7.37 -8.85
C PHE A 122 12.34 -7.09 -7.43
N MET A 123 11.40 -6.84 -6.51
CA MET A 123 11.70 -6.58 -5.11
C MET A 123 12.23 -7.81 -4.39
N GLN A 124 11.57 -8.97 -4.56
CA GLN A 124 12.10 -10.25 -3.98
C GLN A 124 13.53 -10.57 -4.44
N ALA A 125 13.81 -10.35 -5.74
CA ALA A 125 15.12 -10.69 -6.32
C ALA A 125 16.23 -9.73 -5.84
N ALA A 126 15.84 -8.50 -5.49
CA ALA A 126 16.76 -7.51 -4.92
C ALA A 126 17.27 -7.88 -3.53
N ALA A 127 16.52 -8.70 -2.79
CA ALA A 127 17.06 -9.26 -1.56
C ALA A 127 16.68 -10.73 -1.30
N PRO A 128 17.53 -11.69 -1.76
CA PRO A 128 17.33 -13.15 -1.55
C PRO A 128 17.21 -13.51 -0.07
N ALA A 129 17.03 -14.80 0.25
CA ALA A 129 16.85 -15.27 1.65
C ALA A 129 17.79 -14.65 2.74
N GLY A 130 17.21 -14.18 3.84
CA GLY A 130 18.00 -13.59 4.95
C GLY A 130 18.82 -12.30 4.72
N VAL A 131 18.78 -11.76 3.50
CA VAL A 131 19.51 -10.53 3.20
C VAL A 131 18.90 -9.29 3.88
N GLY A 132 17.57 -9.12 3.75
CA GLY A 132 16.87 -7.91 4.23
C GLY A 132 16.04 -8.12 5.49
N ALA A 133 15.65 -7.02 6.14
CA ALA A 133 14.64 -7.06 7.21
C ALA A 133 13.88 -5.72 7.29
N MET A 134 12.77 -5.78 8.00
CA MET A 134 11.98 -4.60 8.24
C MET A 134 11.55 -4.72 9.67
N ALA A 135 11.41 -3.57 10.35
CA ALA A 135 11.01 -3.57 11.76
C ALA A 135 10.13 -2.37 12.06
N ALA A 136 8.98 -2.63 12.68
CA ALA A 136 8.15 -1.55 13.20
C ALA A 136 8.65 -1.02 14.58
N VAL A 137 8.90 0.29 14.65
CA VAL A 137 9.35 1.00 15.86
C VAL A 137 8.19 1.89 16.29
N LEU A 138 7.66 1.64 17.49
CA LEU A 138 6.44 2.25 18.03
C LEU A 138 6.77 3.25 19.17
N GLY A 139 6.32 4.50 19.07
CA GLY A 139 6.41 5.47 20.17
C GLY A 139 7.66 6.35 20.27
N ALA A 140 8.54 6.29 19.28
CA ALA A 140 9.73 7.13 19.33
C ALA A 140 9.55 8.39 18.47
N GLU A 141 10.55 9.28 18.44
CA GLU A 141 10.44 10.48 17.62
C GLU A 141 11.12 10.22 16.29
N ASP A 142 10.53 10.72 15.21
CA ASP A 142 11.14 10.71 13.89
C ASP A 142 12.64 11.00 13.93
N ALA A 143 13.02 12.07 14.66
CA ALA A 143 14.39 12.59 14.65
C ALA A 143 15.38 11.54 15.18
N VAL A 144 14.97 10.86 16.24
CA VAL A 144 15.75 9.90 16.93
C VAL A 144 15.92 8.58 16.14
N VAL A 145 14.82 8.08 15.58
CA VAL A 145 14.89 6.96 14.66
C VAL A 145 15.80 7.33 13.50
N LEU A 146 15.61 8.52 12.92
CA LEU A 146 16.45 8.90 11.76
C LEU A 146 17.94 9.01 12.14
N GLU A 147 18.25 9.59 13.31
CA GLU A 147 19.65 9.70 13.77
C GLU A 147 20.20 8.33 14.19
N VAL A 148 19.39 7.51 14.87
CA VAL A 148 19.78 6.10 15.17
C VAL A 148 20.11 5.22 13.95
N CYS A 149 19.32 5.35 12.87
CA CYS A 149 19.57 4.62 11.63
C CYS A 149 20.93 5.02 11.07
N ALA A 150 21.22 6.34 11.06
CA ALA A 150 22.54 6.83 10.58
C ALA A 150 23.71 6.22 11.41
N GLU A 151 23.52 6.17 12.72
CA GLU A 151 24.51 5.58 13.63
C GLU A 151 24.70 4.06 13.38
N ALA A 152 23.62 3.31 13.12
CA ALA A 152 23.75 1.84 12.99
C ALA A 152 24.27 1.34 11.61
N ALA A 153 24.24 2.17 10.59
CA ALA A 153 24.45 1.74 9.20
C ALA A 153 25.77 1.07 8.93
N GLY A 154 26.84 1.78 9.32
CA GLY A 154 28.19 1.33 8.99
C GLY A 154 28.38 1.34 7.49
N SER A 155 28.69 0.17 6.91
CA SER A 155 28.82 -0.03 5.47
C SER A 155 27.53 -0.59 4.88
N GLN A 156 26.50 -0.72 5.70
CA GLN A 156 25.28 -1.42 5.25
C GLN A 156 24.16 -0.41 5.20
N VAL A 157 22.95 -0.86 4.85
CA VAL A 157 21.86 0.07 4.63
C VAL A 157 20.81 -0.11 5.72
N VAL A 158 20.47 0.96 6.43
CA VAL A 158 19.27 0.95 7.31
C VAL A 158 18.68 2.36 7.38
N VAL A 159 17.39 2.46 7.09
CA VAL A 159 16.75 3.73 6.80
C VAL A 159 15.28 3.53 7.17
N PRO A 160 14.58 4.64 7.45
CA PRO A 160 13.12 4.70 7.55
C PRO A 160 12.56 4.30 6.22
N ALA A 161 11.56 3.44 6.24
CA ALA A 161 11.02 2.95 5.02
C ALA A 161 9.53 3.30 4.95
N ASN A 162 8.88 3.39 6.10
CA ASN A 162 7.48 3.89 6.15
C ASN A 162 7.41 4.96 7.21
N PHE A 163 6.90 6.15 6.87
CA PHE A 163 6.39 7.08 7.86
C PHE A 163 4.86 6.88 7.97
N ASN A 164 4.43 6.08 8.96
CA ASN A 164 3.05 5.57 8.99
C ASN A 164 2.06 6.37 9.84
N SER A 165 2.53 6.91 10.96
CA SER A 165 1.75 7.84 11.78
C SER A 165 2.73 8.35 12.78
N PRO A 166 2.39 9.45 13.51
CA PRO A 166 3.27 9.87 14.63
C PRO A 166 3.49 8.75 15.62
N GLY A 167 4.73 8.45 15.95
CA GLY A 167 5.04 7.24 16.75
C GLY A 167 5.02 5.86 16.05
N GLN A 168 4.86 5.81 14.71
CA GLN A 168 4.99 4.58 13.93
C GLN A 168 5.82 4.81 12.69
N ILE A 169 7.05 4.31 12.74
CA ILE A 169 7.94 4.28 11.63
C ILE A 169 8.35 2.82 11.46
N VAL A 170 8.45 2.39 10.18
CA VAL A 170 9.08 1.12 9.80
C VAL A 170 10.48 1.44 9.30
N ILE A 171 11.48 0.73 9.80
CA ILE A 171 12.81 0.84 9.25
C ILE A 171 13.16 -0.44 8.52
N GLY A 172 14.11 -0.38 7.60
CA GLY A 172 14.45 -1.56 6.88
C GLY A 172 15.77 -1.42 6.19
N GLY A 173 16.28 -2.54 5.64
CA GLY A 173 17.53 -2.52 4.93
C GLY A 173 18.22 -3.86 5.11
N ASP A 174 19.54 -3.85 5.12
CA ASP A 174 20.29 -5.04 5.54
C ASP A 174 19.87 -5.54 6.94
N ALA A 175 19.59 -6.85 7.04
CA ALA A 175 19.23 -7.50 8.29
C ALA A 175 20.17 -7.14 9.47
N ALA A 176 21.49 -7.18 9.28
CA ALA A 176 22.40 -6.88 10.44
C ALA A 176 22.30 -5.40 10.82
N ALA A 177 22.19 -4.51 9.84
CA ALA A 177 21.96 -3.09 10.13
C ALA A 177 20.62 -2.80 10.82
N VAL A 178 19.55 -3.43 10.36
CA VAL A 178 18.25 -3.31 11.07
C VAL A 178 18.37 -3.77 12.56
N ASP A 179 18.99 -4.92 12.79
CA ASP A 179 19.29 -5.43 14.17
C ASP A 179 20.15 -4.46 15.01
N ARG A 180 21.24 -3.97 14.46
CA ARG A 180 21.99 -2.94 15.17
C ARG A 180 21.13 -1.72 15.55
N ALA A 181 20.29 -1.26 14.61
CA ALA A 181 19.40 -0.13 14.90
C ALA A 181 18.48 -0.38 16.08
N LEU A 182 17.89 -1.57 16.12
CA LEU A 182 16.99 -1.94 17.20
C LEU A 182 17.75 -2.00 18.52
N ALA A 183 19.00 -2.51 18.48
CA ALA A 183 19.80 -2.60 19.72
C ALA A 183 20.11 -1.19 20.24
N LEU A 184 20.35 -0.25 19.32
CA LEU A 184 20.66 1.15 19.67
C LEU A 184 19.47 1.90 20.27
N LEU A 185 18.29 1.61 19.75
CA LEU A 185 17.05 2.22 20.20
C LEU A 185 16.71 1.65 21.56
N ALA A 186 16.89 0.33 21.71
CA ALA A 186 16.72 -0.38 22.98
C ALA A 186 17.62 0.22 24.07
N GLU A 187 18.91 0.42 23.75
CA GLU A 187 19.84 1.16 24.62
C GLU A 187 19.33 2.54 25.06
N ARG A 188 18.60 3.22 24.16
CA ARG A 188 18.06 4.59 24.37
C ARG A 188 16.68 4.57 25.04
N GLY A 189 16.15 3.40 25.32
CA GLY A 189 14.88 3.30 26.03
C GLY A 189 13.64 2.95 25.20
N VAL A 190 13.67 3.22 23.90
CA VAL A 190 12.52 2.94 23.00
C VAL A 190 11.87 1.58 23.25
N ARG A 191 12.58 0.50 22.95
CA ARG A 191 12.16 -0.89 23.28
C ARG A 191 10.85 -1.46 22.67
N LYS A 192 9.91 -0.62 22.21
CA LYS A 192 8.73 -1.17 21.49
C LYS A 192 8.95 -1.23 19.95
N ALA A 193 9.60 -2.32 19.51
CA ALA A 193 10.12 -2.46 18.14
C ALA A 193 10.16 -3.93 17.73
N VAL A 194 9.36 -4.30 16.73
CA VAL A 194 9.26 -5.70 16.31
C VAL A 194 9.63 -5.90 14.84
N LYS A 195 10.42 -6.95 14.56
CA LYS A 195 10.70 -7.41 13.21
C LYS A 195 9.43 -7.88 12.54
N LEU A 196 9.20 -7.43 11.32
CA LEU A 196 8.03 -7.84 10.58
C LEU A 196 8.25 -9.23 9.87
N ALA A 197 7.17 -9.96 9.65
CA ALA A 197 7.24 -11.29 9.01
C ALA A 197 7.80 -11.19 7.56
N VAL A 198 7.31 -10.25 6.75
CA VAL A 198 7.91 -10.08 5.43
C VAL A 198 9.23 -9.34 5.52
N SER A 199 10.27 -9.99 4.99
CA SER A 199 11.63 -9.54 5.07
C SER A 199 12.10 -8.61 3.93
N VAL A 200 11.46 -8.66 2.75
CA VAL A 200 11.82 -7.78 1.62
C VAL A 200 11.98 -6.32 2.11
N PRO A 201 13.16 -5.72 1.89
CA PRO A 201 13.38 -4.35 2.38
C PRO A 201 12.87 -3.24 1.40
N SER A 202 11.57 -3.17 1.25
CA SER A 202 10.92 -2.16 0.40
C SER A 202 11.29 -0.76 0.85
N HIS A 203 11.29 0.19 -0.08
CA HIS A 203 11.46 1.59 0.34
C HIS A 203 12.80 1.90 1.07
N THR A 204 13.83 1.13 0.77
CA THR A 204 15.21 1.48 1.13
C THR A 204 16.05 1.57 -0.15
N PRO A 205 17.32 2.04 -0.05
CA PRO A 205 18.28 1.98 -1.21
C PRO A 205 18.56 0.57 -1.79
N LEU A 206 18.24 -0.53 -1.07
CA LEU A 206 18.43 -1.88 -1.68
C LEU A 206 17.43 -2.12 -2.80
N MET A 207 16.40 -1.28 -2.95
CA MET A 207 15.49 -1.45 -4.05
C MET A 207 15.88 -0.59 -5.30
N ARG A 208 17.05 0.04 -5.27
CA ARG A 208 17.38 1.09 -6.29
C ARG A 208 17.37 0.52 -7.72
N ASP A 209 18.08 -0.60 -7.93
CA ASP A 209 18.11 -1.24 -9.21
C ASP A 209 16.78 -1.88 -9.61
N ALA A 210 16.08 -2.46 -8.62
CA ALA A 210 14.75 -3.05 -8.85
C ALA A 210 13.75 -2.00 -9.41
N ALA A 211 13.99 -0.74 -9.02
CA ALA A 211 13.20 0.42 -9.41
C ALA A 211 13.48 0.74 -10.88
N ASN A 212 14.73 0.59 -11.32
CA ASN A 212 15.02 0.74 -12.75
C ASN A 212 14.37 -0.33 -13.63
N GLN A 213 14.38 -1.56 -13.13
CA GLN A 213 13.60 -2.64 -13.77
C GLN A 213 12.07 -2.34 -13.84
N LEU A 214 11.52 -1.89 -12.73
CA LEU A 214 10.13 -1.44 -12.64
C LEU A 214 9.82 -0.34 -13.66
N GLY A 215 10.68 0.68 -13.75
CA GLY A 215 10.46 1.79 -14.70
C GLY A 215 10.34 1.32 -16.17
N GLU A 216 11.19 0.37 -16.54
CA GLU A 216 11.21 -0.19 -17.88
C GLU A 216 9.98 -1.05 -18.14
N ALA A 217 9.58 -1.85 -17.12
CA ALA A 217 8.31 -2.57 -17.17
C ALA A 217 7.16 -1.57 -17.36
N MET A 218 7.23 -0.39 -16.74
CA MET A 218 6.09 0.49 -16.83
C MET A 218 5.93 1.05 -18.23
N ALA A 219 7.08 1.37 -18.83
CA ALA A 219 7.18 2.11 -20.08
C ALA A 219 6.64 1.38 -21.32
N GLY A 220 6.41 0.06 -21.21
CA GLY A 220 5.73 -0.77 -22.22
C GLY A 220 4.19 -0.78 -22.15
N LEU A 221 3.61 -0.12 -21.16
CA LEU A 221 2.18 -0.17 -20.95
C LEU A 221 1.51 1.14 -21.34
N SER A 222 0.18 1.10 -21.58
CA SER A 222 -0.61 2.33 -21.78
C SER A 222 -0.98 2.93 -20.45
N TRP A 223 -0.74 4.23 -20.33
CA TRP A 223 -1.07 5.04 -19.16
C TRP A 223 -2.12 6.04 -19.64
N HIS A 224 -3.15 6.25 -18.86
CA HIS A 224 -4.21 7.08 -19.30
C HIS A 224 -4.30 8.22 -18.30
N ALA A 225 -5.01 9.30 -18.64
CA ALA A 225 -5.20 10.44 -17.75
C ALA A 225 -6.05 9.98 -16.54
N PRO A 226 -5.63 10.32 -15.30
CA PRO A 226 -6.41 9.81 -14.12
C PRO A 226 -7.78 10.47 -14.06
N GLN A 227 -8.82 9.75 -13.66
CA GLN A 227 -10.18 10.36 -13.54
C GLN A 227 -10.40 11.01 -12.15
N ILE A 228 -9.53 10.66 -11.19
CA ILE A 228 -9.55 11.21 -9.83
C ILE A 228 -8.10 11.34 -9.46
N PRO A 229 -7.67 12.47 -8.89
CA PRO A 229 -6.21 12.57 -8.72
C PRO A 229 -5.69 11.60 -7.62
N VAL A 230 -4.45 11.17 -7.75
CA VAL A 230 -3.86 10.21 -6.78
C VAL A 230 -2.72 10.89 -6.07
N VAL A 231 -2.85 11.03 -4.74
CA VAL A 231 -1.77 11.55 -3.90
C VAL A 231 -0.73 10.46 -3.69
N GLN A 232 0.48 10.65 -4.25
CA GLN A 232 1.52 9.60 -4.27
C GLN A 232 2.47 9.58 -3.04
N ASN A 233 2.95 8.40 -2.66
CA ASN A 233 3.74 8.18 -1.42
C ASN A 233 5.07 8.85 -1.36
N VAL A 234 5.74 9.01 -2.50
CA VAL A 234 7.15 9.49 -2.42
C VAL A 234 7.23 10.90 -1.78
N ASP A 235 6.25 11.74 -2.11
CA ASP A 235 6.27 13.14 -1.68
C ASP A 235 4.92 13.71 -1.23
N ALA A 236 3.89 12.86 -1.18
CA ALA A 236 2.56 13.24 -0.69
C ALA A 236 1.96 14.33 -1.58
N ARG A 237 2.10 14.13 -2.88
CA ARG A 237 1.63 15.13 -3.85
C ARG A 237 1.05 14.38 -5.06
N VAL A 238 0.12 15.07 -5.72
CA VAL A 238 -0.41 14.65 -7.02
C VAL A 238 0.60 15.00 -8.14
N HIS A 239 0.80 14.08 -9.09
CA HIS A 239 1.74 14.32 -10.18
C HIS A 239 1.02 14.39 -11.52
N ASP A 240 1.46 15.28 -12.40
CA ASP A 240 0.75 15.52 -13.67
C ASP A 240 1.39 14.87 -14.90
N GLY A 241 0.62 14.01 -15.57
CA GLY A 241 1.04 13.37 -16.79
C GLY A 241 1.71 12.05 -16.55
N SER A 242 1.78 11.23 -17.59
CA SER A 242 2.33 9.89 -17.53
C SER A 242 3.76 9.80 -16.89
N ALA A 243 4.66 10.63 -17.40
CA ALA A 243 6.09 10.57 -17.12
C ALA A 243 6.35 10.87 -15.65
N ALA A 244 5.65 11.89 -15.15
CA ALA A 244 5.75 12.30 -13.77
C ALA A 244 5.15 11.26 -12.81
N ILE A 245 4.04 10.63 -13.22
CA ILE A 245 3.40 9.59 -12.41
C ILE A 245 4.26 8.31 -12.34
N ARG A 246 4.71 7.80 -13.49
CA ARG A 246 5.74 6.75 -13.53
C ARG A 246 7.04 7.12 -12.78
N GLN A 247 7.51 8.36 -12.89
CA GLN A 247 8.75 8.71 -12.16
C GLN A 247 8.54 8.61 -10.63
N ALA A 248 7.39 9.11 -10.19
CA ALA A 248 7.04 9.05 -8.74
C ALA A 248 6.87 7.61 -8.25
N LEU A 249 6.49 6.70 -9.14
CA LEU A 249 6.42 5.26 -8.83
C LEU A 249 7.79 4.55 -8.77
N VAL A 250 8.69 4.89 -9.69
CA VAL A 250 10.10 4.41 -9.63
C VAL A 250 10.71 4.91 -8.29
N GLU A 251 10.62 6.21 -8.01
CA GLU A 251 11.16 6.70 -6.75
C GLU A 251 10.48 6.11 -5.47
N GLN A 252 9.15 5.89 -5.51
CA GLN A 252 8.43 5.24 -4.44
C GLN A 252 9.17 4.00 -3.92
N LEU A 253 9.71 3.20 -4.84
CA LEU A 253 10.18 1.87 -4.48
C LEU A 253 11.39 1.92 -3.55
N TYR A 254 12.28 2.89 -3.74
CA TYR A 254 13.53 2.91 -2.98
C TYR A 254 13.56 4.01 -1.93
N LEU A 255 12.55 4.92 -1.94
CA LEU A 255 12.43 5.96 -0.94
C LEU A 255 11.26 5.74 0.06
N PRO A 256 11.28 6.45 1.22
CA PRO A 256 10.27 6.08 2.23
C PRO A 256 8.78 6.42 1.86
N VAL A 257 7.83 5.55 2.24
CA VAL A 257 6.38 5.83 2.09
C VAL A 257 6.05 6.96 3.08
N GLN A 258 5.71 8.15 2.57
CA GLN A 258 5.23 9.26 3.36
C GLN A 258 3.70 9.13 3.66
N TRP A 259 3.30 8.08 4.41
CA TRP A 259 1.87 7.87 4.68
C TRP A 259 1.22 9.02 5.51
N THR A 260 1.92 9.45 6.54
CA THR A 260 1.42 10.53 7.37
C THR A 260 1.15 11.76 6.51
N GLY A 261 2.19 12.16 5.73
CA GLY A 261 2.09 13.22 4.70
C GLY A 261 0.94 13.10 3.70
N CYS A 262 0.68 11.90 3.19
CA CYS A 262 -0.43 11.66 2.24
C CYS A 262 -1.77 11.97 2.91
N VAL A 263 -1.94 11.42 4.12
CA VAL A 263 -3.14 11.64 4.92
C VAL A 263 -3.33 13.12 5.31
N GLN A 264 -2.28 13.79 5.79
CA GLN A 264 -2.27 15.22 6.06
C GLN A 264 -2.53 16.03 4.82
N ALA A 265 -1.99 15.61 3.66
CA ALA A 265 -2.32 16.29 2.41
C ALA A 265 -3.80 16.20 2.04
N LEU A 266 -4.41 15.01 2.20
CA LEU A 266 -5.84 14.83 2.02
C LEU A 266 -6.62 15.78 2.93
N ALA A 267 -6.31 15.75 4.26
CA ALA A 267 -7.01 16.61 5.21
C ALA A 267 -6.92 18.11 4.81
N SER A 268 -5.72 18.58 4.41
CA SER A 268 -5.51 19.93 3.90
C SER A 268 -6.36 20.31 2.71
N GLN A 269 -6.82 19.32 1.96
CA GLN A 269 -7.56 19.58 0.75
C GLN A 269 -9.07 19.43 0.92
N GLY A 270 -9.49 19.39 2.18
CA GLY A 270 -10.89 19.46 2.59
C GLY A 270 -11.50 18.09 2.81
N ILE A 271 -10.67 17.03 2.86
CA ILE A 271 -11.15 15.66 3.12
C ILE A 271 -11.43 15.45 4.61
N THR A 272 -12.65 15.01 4.94
CA THR A 272 -13.00 14.73 6.34
C THR A 272 -13.47 13.26 6.42
N ARG A 273 -13.64 12.59 5.29
CA ARG A 273 -14.12 11.19 5.28
C ARG A 273 -13.28 10.32 4.38
N ILE A 274 -12.92 9.14 4.90
CA ILE A 274 -12.01 8.23 4.24
C ILE A 274 -12.50 6.78 4.35
N ALA A 275 -12.62 6.13 3.19
CA ALA A 275 -13.00 4.73 3.09
C ALA A 275 -11.76 3.97 2.74
N GLU A 276 -11.49 2.92 3.52
CA GLU A 276 -10.33 2.05 3.27
C GLU A 276 -10.87 1.01 2.33
N CYS A 277 -10.39 1.04 1.11
CA CYS A 277 -11.08 0.28 0.07
C CYS A 277 -10.36 -1.02 -0.29
N GLY A 278 -10.55 -2.05 0.50
CA GLY A 278 -9.89 -3.34 0.32
C GLY A 278 -9.84 -3.98 1.69
N PRO A 279 -9.07 -5.08 1.84
CA PRO A 279 -9.07 -5.83 3.08
C PRO A 279 -8.37 -5.20 4.28
N GLY A 280 -8.87 -5.60 5.43
CA GLY A 280 -8.33 -5.23 6.72
C GLY A 280 -8.77 -3.86 7.12
N LYS A 281 -8.07 -3.33 8.11
CA LYS A 281 -8.33 -2.00 8.61
C LYS A 281 -7.05 -1.34 9.02
N VAL A 282 -5.93 -1.71 8.41
CA VAL A 282 -4.65 -1.14 8.78
C VAL A 282 -4.61 0.38 8.58
N LEU A 283 -5.06 0.85 7.41
CA LEU A 283 -4.87 2.24 7.06
C LEU A 283 -5.74 3.10 7.93
N SER A 284 -6.98 2.64 8.17
CA SER A 284 -7.91 3.23 9.13
C SER A 284 -7.29 3.45 10.52
N GLY A 285 -6.59 2.42 11.03
CA GLY A 285 -5.88 2.57 12.32
C GLY A 285 -4.83 3.68 12.27
N LEU A 286 -4.03 3.71 11.19
CA LEU A 286 -3.00 4.76 11.01
C LEU A 286 -3.64 6.16 10.93
N ILE A 287 -4.69 6.26 10.11
CA ILE A 287 -5.46 7.52 9.99
C ILE A 287 -5.96 8.06 11.33
N LYS A 288 -6.47 7.17 12.18
CA LYS A 288 -6.94 7.52 13.49
C LYS A 288 -5.82 8.22 14.32
N ARG A 289 -4.57 7.74 14.22
CA ARG A 289 -3.41 8.33 14.90
C ARG A 289 -2.88 9.61 14.22
N ILE A 290 -2.95 9.70 12.89
CA ILE A 290 -2.47 10.91 12.19
C ILE A 290 -3.41 12.09 12.47
N ASP A 291 -4.71 11.85 12.42
CA ASP A 291 -5.62 12.94 12.49
C ASP A 291 -6.95 12.38 12.91
N LYS A 292 -7.27 12.64 14.17
CA LYS A 292 -8.38 12.01 14.90
C LYS A 292 -9.77 12.64 14.57
N SER A 293 -9.75 13.76 13.86
CA SER A 293 -10.96 14.39 13.29
C SER A 293 -11.50 13.72 12.02
N LEU A 294 -10.64 13.01 11.27
CA LEU A 294 -11.06 12.31 10.04
C LEU A 294 -11.94 11.10 10.32
N ASP A 295 -12.97 10.92 9.51
CA ASP A 295 -13.94 9.84 9.69
C ASP A 295 -13.49 8.67 8.76
N ALA A 296 -12.75 7.69 9.32
CA ALA A 296 -12.12 6.60 8.56
C ALA A 296 -12.87 5.33 8.73
N ARG A 297 -13.33 4.71 7.63
CA ARG A 297 -14.13 3.46 7.77
C ARG A 297 -13.63 2.39 6.83
N PRO A 298 -13.41 1.19 7.35
CA PRO A 298 -13.04 0.15 6.37
C PRO A 298 -14.25 -0.39 5.60
N LEU A 299 -14.01 -0.90 4.39
CA LEU A 299 -15.05 -1.52 3.55
C LEU A 299 -14.92 -3.03 3.32
N ALA A 300 -14.01 -3.73 3.99
CA ALA A 300 -13.73 -5.08 3.52
C ALA A 300 -14.72 -6.20 3.92
N THR A 301 -15.76 -5.91 4.70
CA THR A 301 -16.70 -6.91 5.22
C THR A 301 -18.15 -6.46 4.96
N PRO A 302 -19.11 -7.41 4.92
CA PRO A 302 -20.48 -7.02 4.64
C PRO A 302 -21.02 -5.91 5.56
N ALA A 303 -20.74 -5.97 6.86
CA ALA A 303 -21.25 -4.99 7.83
C ALA A 303 -20.56 -3.65 7.74
N ASP A 304 -19.23 -3.65 7.66
CA ASP A 304 -18.54 -2.41 7.38
C ASP A 304 -18.97 -1.74 6.09
N TYR A 305 -19.13 -2.53 5.02
CA TYR A 305 -19.46 -1.97 3.70
C TYR A 305 -20.78 -1.31 3.83
N ALA A 306 -21.78 -2.06 4.32
CA ALA A 306 -23.15 -1.55 4.42
C ALA A 306 -23.19 -0.32 5.31
N GLY A 307 -22.39 -0.31 6.38
CA GLY A 307 -22.38 0.86 7.28
C GLY A 307 -21.91 2.12 6.55
N ALA A 308 -20.88 1.97 5.69
CA ALA A 308 -20.32 3.11 4.96
C ALA A 308 -21.28 3.61 3.86
N LEU A 309 -21.86 2.68 3.07
CA LEU A 309 -22.89 3.01 2.05
C LEU A 309 -24.02 3.77 2.67
N ASP A 310 -24.55 3.28 3.79
CA ASP A 310 -25.65 3.95 4.43
C ASP A 310 -25.24 5.38 4.76
N ALA A 311 -24.11 5.56 5.43
CA ALA A 311 -23.61 6.91 5.73
C ALA A 311 -23.16 7.78 4.51
N TRP A 312 -22.61 7.18 3.45
CA TRP A 312 -22.02 7.98 2.32
C TRP A 312 -22.43 7.63 0.82
N ALA A 313 -23.68 7.27 0.56
CA ALA A 313 -24.13 7.01 -0.83
C ALA A 313 -24.72 8.24 -1.55
N HIS A 314 -24.44 8.42 -2.85
CA HIS A 314 -25.05 9.52 -3.69
C HIS A 314 -25.32 9.10 -5.14
#